data_8V1H
#
_entry.id   8V1H
#
_cell.length_a   44.986
_cell.length_b   40.651
_cell.length_c   123.393
_cell.angle_alpha   90.00
_cell.angle_beta   96.99
_cell.angle_gamma   90.00
#
_symmetry.space_group_name_H-M   'C 1 2 1'
#
loop_
_entity.id
_entity.type
_entity.pdbx_description
1 polymer pre-mascRNA
2 non-polymer 'SODIUM ION'
#
_entity_poly.entity_id   1
_entity_poly.type   'polyribonucleotide'
_entity_poly.pdbx_seq_one_letter_code
;(GTP)GCCCGGACGAUGCUGGUGGUUGGCACUCCUGGUUUCCAGGACGGGGUUCAAAUCCCUGCGGCGUCGUCCGGGCC
;
_entity_poly.pdbx_strand_id   A
#